data_7VC5
#
_entry.id   7VC5
#
_cell.length_a   115.194
_cell.length_b   73.092
_cell.length_c   74.936
_cell.angle_alpha   90.000
_cell.angle_beta   111.570
_cell.angle_gamma   90.000
#
_symmetry.space_group_name_H-M   'C 1 2 1'
#
loop_
_entity.id
_entity.type
_entity.pdbx_description
1 polymer 'Prolyl-tRNA synthetase (ProRS)'
2 non-polymer 4-[(3S)-3-cyano-3-(1-methylcyclopropyl)-2-oxidanylidene-pyrrolidin-1-yl]-N-[[3-fluoranyl-5-(1-methylpyrazol-4-yl)phenyl]methyl]-6-methyl-pyridine-2-carboxamide
3 non-polymer 3-{3-[(2R,3S)-3-hydroxypiperidin-2-yl]-2-oxopropyl}quinazolin-4(3H)-one
4 non-polymer '2-(N-MORPHOLINO)-ETHANESULFONIC ACID'
5 non-polymer 1,2-ETHANEDIOL
6 non-polymer 'CHLORIDE ION'
7 water water
#
_entity_poly.entity_id   1
_entity_poly.type   'polypeptide(L)'
_entity_poly.pdbx_seq_one_letter_code
;GAMVTAKKDENFSEWYTQAIVRSEMIEYYDISGCYIMRPWAFHIWEKVQRFFDDEIKKMGVENSYFPMFVSRHKLEKEKD
HVEGFSPEVAWVTHYGDSPLPEKIAIRPTSETIMYPAYAKWIRSHRDLPLKLNQWCSVVRWEFKQPTPFLRTREFLWQEG
HTAHATEEEAWELVLDILELYRRWYEECLAVPVIKGEKSEGEKFAGGKKTTTVEAFIPENGRGIQAATSHLLGTNFAKMF
EIEFEDEEGHKRLVHQTSWGCTTRSLGVMIMTHGDDKGLVIPPRVASVQVVIIPILFKDENTGEILGKCRELKTMLEKAD
IRVRIDDRSNYTPGWKYNHWEVKGVPLRLELGPKDLAKGTARVVRRDTGEAYQISWADLAPKLLELMEGIQRSLFEKAKA
RLHEGIEKISTFDEVMPALNRKHLVLAPWCEDPESEEQIKKETQKLSEIQAIEAGDSEQVMTGAMKTLCIPFDQPPMPEG
TKCFYTGKPAKRWTLWGRSY
;
_entity_poly.pdbx_strand_id   A
#
# COMPACT_ATOMS: atom_id res chain seq x y z
N ALA A 2 -25.80 -0.60 -11.07
CA ALA A 2 -24.54 -1.04 -11.66
C ALA A 2 -23.85 -2.08 -10.79
N MET A 3 -23.65 -3.27 -11.33
CA MET A 3 -23.03 -4.37 -10.60
C MET A 3 -21.68 -4.72 -11.22
N VAL A 4 -20.80 -5.28 -10.39
CA VAL A 4 -19.58 -5.90 -10.90
C VAL A 4 -19.95 -7.24 -11.54
N THR A 5 -19.56 -7.42 -12.80
CA THR A 5 -19.91 -8.63 -13.55
C THR A 5 -18.73 -9.52 -13.88
N ALA A 6 -17.51 -9.00 -13.88
CA ALA A 6 -16.33 -9.82 -14.06
C ALA A 6 -16.02 -10.55 -12.76
N LYS A 7 -15.68 -11.83 -12.86
CA LYS A 7 -15.35 -12.61 -11.67
C LYS A 7 -13.87 -12.42 -11.33
N LYS A 8 -13.61 -12.24 -10.04
CA LYS A 8 -12.24 -11.96 -9.58
C LYS A 8 -11.27 -13.08 -9.96
N ASP A 9 -11.72 -14.33 -9.89
CA ASP A 9 -10.88 -15.49 -10.13
C ASP A 9 -10.74 -15.87 -11.59
N GLU A 10 -11.39 -15.15 -12.50
CA GLU A 10 -11.32 -15.49 -13.92
C GLU A 10 -10.67 -14.38 -14.74
N ASN A 11 -11.23 -13.18 -14.77
CA ASN A 11 -10.62 -12.07 -15.50
C ASN A 11 -10.32 -11.01 -14.45
N PHE A 12 -9.16 -11.18 -13.82
CA PHE A 12 -8.79 -10.35 -12.68
C PHE A 12 -8.63 -8.88 -13.07
N SER A 13 -8.06 -8.61 -14.25
CA SER A 13 -7.83 -7.23 -14.65
C SER A 13 -9.15 -6.49 -14.89
N GLU A 14 -10.08 -7.14 -15.60
CA GLU A 14 -11.40 -6.56 -15.80
C GLU A 14 -12.16 -6.41 -14.48
N TRP A 15 -12.01 -7.39 -13.58
CA TRP A 15 -12.64 -7.27 -12.26
C TRP A 15 -12.14 -6.04 -11.53
N TYR A 16 -10.83 -5.84 -11.53
CA TYR A 16 -10.23 -4.73 -10.82
C TYR A 16 -10.73 -3.40 -11.38
N THR A 17 -10.71 -3.28 -12.71
CA THR A 17 -11.22 -2.07 -13.35
C THR A 17 -12.66 -1.81 -12.98
N GLN A 18 -13.50 -2.85 -13.07
CA GLN A 18 -14.90 -2.68 -12.69
C GLN A 18 -15.04 -2.28 -11.23
N ALA A 19 -14.27 -2.92 -10.34
CA ALA A 19 -14.41 -2.64 -8.92
C ALA A 19 -14.08 -1.18 -8.61
N ILE A 20 -13.01 -0.67 -9.21
CA ILE A 20 -12.60 0.69 -8.86
C ILE A 20 -13.37 1.76 -9.61
N VAL A 21 -13.90 1.46 -10.79
CA VAL A 21 -14.70 2.43 -11.52
C VAL A 21 -16.14 2.46 -10.99
N ARG A 22 -16.75 1.29 -10.82
CA ARG A 22 -18.16 1.27 -10.47
C ARG A 22 -18.41 1.67 -9.03
N SER A 23 -17.39 1.59 -8.18
CA SER A 23 -17.47 2.12 -6.83
C SER A 23 -17.20 3.62 -6.76
N GLU A 24 -16.86 4.24 -7.89
CA GLU A 24 -16.56 5.67 -7.97
C GLU A 24 -15.28 6.02 -7.21
N MET A 25 -14.30 5.12 -7.25
CA MET A 25 -13.01 5.44 -6.65
C MET A 25 -12.11 6.23 -7.60
N ILE A 26 -12.11 5.89 -8.90
CA ILE A 26 -11.23 6.54 -9.85
C ILE A 26 -12.03 7.04 -11.03
N GLU A 27 -11.44 7.98 -11.74
CA GLU A 27 -11.92 8.39 -13.05
C GLU A 27 -10.74 8.48 -13.99
N TYR A 28 -10.98 8.17 -15.26
CA TYR A 28 -9.93 8.20 -16.24
C TYR A 28 -9.63 9.64 -16.65
N TYR A 29 -8.53 9.80 -17.39
CA TYR A 29 -7.99 11.11 -17.69
C TYR A 29 -7.36 11.03 -19.06
N ASP A 30 -7.35 12.17 -19.76
CA ASP A 30 -6.87 12.16 -21.14
C ASP A 30 -5.36 12.04 -21.25
N ILE A 31 -4.62 12.25 -20.17
CA ILE A 31 -3.18 12.02 -20.15
C ILE A 31 -2.94 10.62 -19.61
N SER A 32 -2.40 9.74 -20.47
CA SER A 32 -2.26 8.34 -20.11
C SER A 32 -1.40 8.18 -18.86
N GLY A 33 -1.75 7.20 -18.04
CA GLY A 33 -0.97 6.93 -16.85
C GLY A 33 -1.30 7.81 -15.66
N CYS A 34 -2.23 8.75 -15.82
CA CYS A 34 -2.71 9.58 -14.72
C CYS A 34 -4.18 9.29 -14.49
N TYR A 35 -4.59 9.25 -13.22
CA TYR A 35 -5.98 8.97 -12.87
C TYR A 35 -6.46 9.96 -11.83
N ILE A 36 -7.75 10.27 -11.89
CA ILE A 36 -8.38 11.11 -10.88
C ILE A 36 -8.74 10.23 -9.68
N MET A 37 -8.41 10.69 -8.48
CA MET A 37 -8.80 10.03 -7.25
CA MET A 37 -8.82 10.01 -7.26
C MET A 37 -10.06 10.71 -6.72
N ARG A 38 -11.21 10.03 -6.83
CA ARG A 38 -12.47 10.56 -6.35
C ARG A 38 -12.57 10.38 -4.85
N PRO A 39 -13.53 11.05 -4.19
CA PRO A 39 -13.59 11.02 -2.73
C PRO A 39 -13.65 9.64 -2.11
N TRP A 40 -14.33 8.68 -2.75
CA TRP A 40 -14.44 7.37 -2.13
C TRP A 40 -13.07 6.76 -1.88
N ALA A 41 -12.12 6.98 -2.79
CA ALA A 41 -10.77 6.50 -2.54
C ALA A 41 -9.97 7.50 -1.70
N PHE A 42 -10.17 8.78 -1.95
CA PHE A 42 -9.34 9.78 -1.29
C PHE A 42 -9.56 9.78 0.22
N HIS A 43 -10.79 9.51 0.68
CA HIS A 43 -11.04 9.42 2.12
C HIS A 43 -10.16 8.36 2.78
N ILE A 44 -9.93 7.23 2.08
CA ILE A 44 -9.08 6.19 2.64
C ILE A 44 -7.64 6.68 2.72
N TRP A 45 -7.18 7.36 1.67
CA TRP A 45 -5.85 7.99 1.75
C TRP A 45 -5.75 8.94 2.94
N GLU A 46 -6.78 9.76 3.17
CA GLU A 46 -6.73 10.71 4.28
C GLU A 46 -6.61 9.97 5.60
N LYS A 47 -7.28 8.81 5.71
CA LYS A 47 -7.23 8.04 6.97
C LYS A 47 -5.84 7.46 7.24
N VAL A 48 -5.23 6.83 6.21
CA VAL A 48 -3.89 6.28 6.47
C VAL A 48 -2.86 7.40 6.61
N GLN A 49 -3.08 8.55 5.96
CA GLN A 49 -2.20 9.69 6.15
C GLN A 49 -2.25 10.17 7.60
N ARG A 50 -3.46 10.29 8.16
CA ARG A 50 -3.58 10.70 9.56
C ARG A 50 -2.90 9.70 10.48
N PHE A 51 -3.13 8.40 10.25
CA PHE A 51 -2.44 7.39 11.06
C PHE A 51 -0.92 7.57 11.03
N PHE A 52 -0.36 7.63 9.82
CA PHE A 52 1.10 7.70 9.69
C PHE A 52 1.65 8.99 10.27
N ASP A 53 0.98 10.13 10.00
CA ASP A 53 1.41 11.41 10.58
C ASP A 53 1.46 11.34 12.08
N ASP A 54 0.39 10.83 12.71
CA ASP A 54 0.36 10.74 14.17
C ASP A 54 1.53 9.91 14.69
N GLU A 55 1.79 8.78 14.01
CA GLU A 55 2.87 7.90 14.49
C GLU A 55 4.25 8.52 14.30
N ILE A 56 4.52 9.16 13.15
CA ILE A 56 5.87 9.71 13.00
C ILE A 56 6.05 10.95 13.86
N LYS A 57 4.96 11.67 14.17
CA LYS A 57 5.10 12.81 15.07
C LYS A 57 5.58 12.35 16.44
N LYS A 58 5.09 11.19 16.90
CA LYS A 58 5.64 10.61 18.13
C LYS A 58 7.15 10.37 18.06
N MET A 59 7.70 10.13 16.87
CA MET A 59 9.11 9.89 16.68
C MET A 59 9.92 11.17 16.53
N GLY A 60 9.29 12.33 16.58
CA GLY A 60 10.00 13.57 16.37
C GLY A 60 10.14 13.97 14.93
N VAL A 61 9.47 13.30 14.00
CA VAL A 61 9.51 13.70 12.60
C VAL A 61 8.53 14.84 12.40
N GLU A 62 8.92 15.83 11.61
CA GLU A 62 8.06 16.98 11.35
C GLU A 62 7.80 17.10 9.86
N ASN A 63 6.57 17.48 9.50
CA ASN A 63 6.28 17.70 8.09
C ASN A 63 6.82 19.06 7.61
N SER A 64 6.97 19.14 6.29
CA SER A 64 7.62 20.25 5.61
C SER A 64 7.10 20.24 4.18
N TYR A 65 7.51 21.24 3.39
CA TYR A 65 7.19 21.17 1.98
C TYR A 65 8.33 21.77 1.17
N PHE A 66 8.94 20.94 0.30
CA PHE A 66 10.01 21.35 -0.60
C PHE A 66 9.48 21.50 -2.03
N PRO A 67 10.16 22.30 -2.85
CA PRO A 67 9.65 22.60 -4.19
C PRO A 67 9.51 21.36 -5.05
N MET A 68 8.61 21.43 -6.02
CA MET A 68 8.39 20.31 -6.94
C MET A 68 9.42 20.28 -8.07
N PHE A 69 10.23 21.31 -8.21
CA PHE A 69 11.18 21.46 -9.30
C PHE A 69 12.60 21.29 -8.80
N VAL A 70 13.45 20.71 -9.63
CA VAL A 70 14.86 20.57 -9.33
C VAL A 70 15.67 20.98 -10.55
N SER A 71 16.72 21.76 -10.33
CA SER A 71 17.56 22.21 -11.42
C SER A 71 18.32 21.04 -12.01
N ARG A 72 18.63 21.13 -13.30
CA ARG A 72 19.33 20.08 -14.04
C ARG A 72 20.61 19.73 -13.37
N HIS A 73 21.36 20.74 -13.01
CA HIS A 73 22.60 20.56 -12.31
C HIS A 73 22.45 19.80 -11.03
N LYS A 74 21.44 20.12 -10.26
CA LYS A 74 21.30 19.44 -8.99
C LYS A 74 20.74 18.06 -9.10
N LEU A 75 19.95 17.79 -10.12
CA LEU A 75 19.38 16.48 -10.25
C LEU A 75 20.40 15.51 -10.74
N GLU A 76 21.18 15.97 -11.69
CA GLU A 76 22.21 15.17 -12.28
C GLU A 76 23.50 15.50 -11.59
N LYS A 77 23.56 15.05 -10.36
CA LYS A 77 24.66 15.21 -9.45
C LYS A 77 25.29 13.85 -9.35
N PHE A 85 16.35 5.51 -15.03
CA PHE A 85 15.84 6.60 -14.21
C PHE A 85 15.73 7.90 -15.00
N SER A 86 16.81 8.26 -15.68
CA SER A 86 16.80 9.49 -16.47
C SER A 86 15.72 9.54 -17.53
N PRO A 87 15.38 8.46 -18.25
CA PRO A 87 14.26 8.54 -19.21
C PRO A 87 12.90 8.69 -18.54
N GLU A 88 12.81 8.56 -17.22
CA GLU A 88 11.57 8.72 -16.48
C GLU A 88 11.31 10.15 -16.00
N VAL A 89 12.28 11.04 -16.15
CA VAL A 89 12.18 12.37 -15.55
C VAL A 89 11.48 13.31 -16.53
N ALA A 90 10.40 13.93 -16.07
CA ALA A 90 9.69 14.92 -16.88
C ALA A 90 10.38 16.28 -16.77
N TRP A 91 10.65 16.91 -17.91
CA TRP A 91 11.42 18.15 -17.95
C TRP A 91 10.55 19.32 -18.37
N VAL A 92 10.57 20.38 -17.57
CA VAL A 92 9.97 21.67 -17.92
C VAL A 92 11.01 22.48 -18.67
N THR A 93 10.66 22.93 -19.87
CA THR A 93 11.61 23.64 -20.72
C THR A 93 11.14 25.02 -21.17
N HIS A 94 9.85 25.33 -21.04
CA HIS A 94 9.32 26.62 -21.48
C HIS A 94 8.29 27.13 -20.50
N TYR A 95 8.29 28.45 -20.29
CA TYR A 95 7.19 29.16 -19.64
C TYR A 95 6.43 29.90 -20.73
N GLY A 96 5.18 29.52 -20.95
CA GLY A 96 4.51 29.93 -22.17
C GLY A 96 5.24 29.31 -23.34
N ASP A 97 5.56 30.13 -24.34
CA ASP A 97 6.43 29.70 -25.43
C ASP A 97 7.82 30.31 -25.33
N SER A 98 8.16 30.90 -24.18
CA SER A 98 9.51 31.39 -23.93
C SER A 98 10.36 30.28 -23.32
N PRO A 99 11.60 30.11 -23.80
CA PRO A 99 12.43 29.01 -23.28
C PRO A 99 13.08 29.36 -21.96
N LEU A 100 13.15 28.37 -21.07
CA LEU A 100 13.89 28.53 -19.83
C LEU A 100 15.39 28.57 -20.12
N PRO A 101 16.16 29.40 -19.42
CA PRO A 101 17.63 29.37 -19.60
C PRO A 101 18.21 27.98 -19.35
N GLU A 102 17.80 27.33 -18.27
CA GLU A 102 18.10 25.93 -18.03
C GLU A 102 16.80 25.20 -17.73
N LYS A 103 16.64 24.01 -18.31
CA LYS A 103 15.45 23.24 -18.06
C LYS A 103 15.43 22.76 -16.61
N ILE A 104 14.23 22.53 -16.09
CA ILE A 104 14.07 22.06 -14.72
C ILE A 104 13.21 20.81 -14.72
N ALA A 105 13.48 19.92 -13.78
CA ALA A 105 12.80 18.64 -13.73
C ALA A 105 11.73 18.63 -12.65
N ILE A 106 10.65 17.91 -12.91
CA ILE A 106 9.66 17.63 -11.87
C ILE A 106 10.18 16.49 -11.02
N ARG A 107 10.07 16.65 -9.70
CA ARG A 107 10.62 15.69 -8.75
C ARG A 107 10.15 14.26 -9.04
N PRO A 108 11.09 13.32 -9.23
CA PRO A 108 10.74 11.90 -9.18
C PRO A 108 10.87 11.35 -7.77
N THR A 109 11.50 12.14 -6.89
CA THR A 109 11.87 11.92 -5.50
C THR A 109 12.67 13.17 -5.14
N SER A 110 12.87 13.42 -3.84
CA SER A 110 13.38 14.75 -3.46
C SER A 110 14.73 14.75 -2.76
N GLU A 111 15.53 13.69 -2.90
CA GLU A 111 16.88 13.70 -2.32
C GLU A 111 17.68 14.93 -2.77
N THR A 112 17.69 15.20 -4.08
CA THR A 112 18.52 16.27 -4.61
C THR A 112 17.94 17.65 -4.34
N ILE A 113 16.66 17.70 -3.96
CA ILE A 113 16.00 18.94 -3.57
C ILE A 113 16.28 19.24 -2.10
N MET A 114 16.28 18.21 -1.26
CA MET A 114 16.37 18.41 0.19
C MET A 114 17.80 18.42 0.70
N TYR A 115 18.69 17.62 0.15
CA TYR A 115 19.95 17.44 0.85
C TYR A 115 20.91 18.64 0.79
N PRO A 116 20.88 19.49 -0.23
CA PRO A 116 21.63 20.76 -0.11
C PRO A 116 21.17 21.59 1.10
N ALA A 117 19.86 21.61 1.35
CA ALA A 117 19.38 22.29 2.55
C ALA A 117 19.91 21.60 3.81
N TYR A 118 19.86 20.26 3.84
CA TYR A 118 20.40 19.53 4.99
C TYR A 118 21.85 19.92 5.26
N ALA A 119 22.66 20.02 4.20
CA ALA A 119 24.05 20.40 4.38
C ALA A 119 24.18 21.79 4.97
N LYS A 120 23.24 22.69 4.62
CA LYS A 120 23.27 24.02 5.21
C LYS A 120 22.83 24.01 6.67
N TRP A 121 21.82 23.20 7.00
CA TRP A 121 21.19 23.23 8.32
C TRP A 121 21.98 22.51 9.40
N ILE A 122 22.75 21.49 9.04
CA ILE A 122 23.44 20.66 10.01
C ILE A 122 24.87 21.19 10.17
N ARG A 123 25.20 21.64 11.36
CA ARG A 123 26.57 22.08 11.63
C ARG A 123 27.18 21.36 12.83
N SER A 124 26.38 21.07 13.84
CA SER A 124 26.86 20.51 15.10
C SER A 124 26.06 19.27 15.45
N HIS A 125 26.66 18.42 16.28
CA HIS A 125 25.97 17.23 16.76
C HIS A 125 24.68 17.59 17.49
N ARG A 126 24.61 18.82 18.02
CA ARG A 126 23.38 19.29 18.66
C ARG A 126 22.26 19.50 17.65
N ASP A 127 22.59 19.60 16.35
CA ASP A 127 21.57 19.70 15.31
C ASP A 127 20.97 18.34 14.92
N LEU A 128 21.43 17.25 15.51
CA LEU A 128 21.01 15.93 15.10
C LEU A 128 20.29 15.22 16.23
N PRO A 129 19.34 14.34 15.93
CA PRO A 129 18.94 13.99 14.56
C PRO A 129 18.04 15.03 13.91
N LEU A 130 18.11 15.09 12.58
CA LEU A 130 17.19 15.90 11.78
C LEU A 130 16.20 14.95 11.13
N LYS A 131 14.90 15.16 11.36
CA LYS A 131 13.87 14.24 10.89
C LYS A 131 12.76 15.00 10.20
N LEU A 132 12.64 14.86 8.86
CA LEU A 132 11.63 15.57 8.08
C LEU A 132 10.84 14.59 7.22
N ASN A 133 9.59 14.95 6.96
CA ASN A 133 8.71 14.21 6.07
C ASN A 133 7.98 15.20 5.18
N GLN A 134 7.56 14.75 4.00
CA GLN A 134 6.58 15.54 3.28
C GLN A 134 5.59 14.65 2.54
N TRP A 135 4.39 15.18 2.41
CA TRP A 135 3.32 14.58 1.63
C TRP A 135 3.22 15.35 0.34
N CYS A 136 3.30 14.66 -0.79
CA CYS A 136 3.25 15.39 -2.06
C CYS A 136 3.00 14.40 -3.17
N SER A 137 3.06 14.85 -4.43
CA SER A 137 3.03 13.87 -5.51
C SER A 137 4.38 13.90 -6.20
N VAL A 138 4.74 12.79 -6.83
CA VAL A 138 5.93 12.73 -7.67
C VAL A 138 5.54 12.14 -9.03
N VAL A 139 6.46 12.30 -9.98
CA VAL A 139 6.21 11.99 -11.38
C VAL A 139 7.31 11.08 -11.89
N ARG A 140 6.93 9.94 -12.46
CA ARG A 140 7.88 9.02 -13.08
C ARG A 140 7.29 8.61 -14.42
N TRP A 141 7.84 9.16 -15.51
CA TRP A 141 7.19 9.09 -16.82
C TRP A 141 7.67 7.87 -17.59
N GLU A 142 7.10 6.71 -17.25
CA GLU A 142 7.38 5.48 -17.99
CA GLU A 142 7.37 5.47 -17.99
C GLU A 142 6.39 5.32 -19.13
N PHE A 143 6.87 4.81 -20.26
CA PHE A 143 6.01 4.59 -21.41
C PHE A 143 5.27 3.26 -21.36
N LYS A 144 5.40 2.49 -20.28
CA LYS A 144 4.73 1.21 -20.18
C LYS A 144 3.28 1.39 -19.75
N GLN A 145 2.50 0.33 -19.89
CA GLN A 145 1.07 0.41 -19.61
C GLN A 145 0.82 0.62 -18.13
N PRO A 146 0.04 1.63 -17.76
CA PRO A 146 -0.19 1.91 -16.34
C PRO A 146 -1.24 0.99 -15.75
N THR A 147 -1.26 0.96 -14.41
CA THR A 147 -2.29 0.27 -13.66
C THR A 147 -2.77 1.22 -12.57
N PRO A 148 -4.06 1.51 -12.50
CA PRO A 148 -4.56 2.43 -11.46
C PRO A 148 -4.10 1.99 -10.07
N PHE A 149 -3.68 2.98 -9.28
CA PHE A 149 -3.09 2.85 -7.94
C PHE A 149 -1.72 2.22 -7.97
N LEU A 150 -1.53 1.15 -8.74
CA LEU A 150 -0.33 0.34 -8.56
C LEU A 150 0.90 0.87 -9.28
N ARG A 151 0.76 1.32 -10.53
CA ARG A 151 1.89 1.83 -11.32
C ARG A 151 1.35 2.96 -12.19
N THR A 152 1.58 4.20 -11.76
CA THR A 152 1.04 5.37 -12.45
C THR A 152 2.15 6.40 -12.62
N ARG A 153 1.95 7.30 -13.60
CA ARG A 153 2.99 8.27 -13.93
C ARG A 153 3.05 9.42 -12.94
N GLU A 154 1.95 9.74 -12.29
CA GLU A 154 1.94 10.64 -11.14
C GLU A 154 1.33 9.88 -9.99
N PHE A 155 1.93 9.97 -8.81
CA PHE A 155 1.28 9.38 -7.65
C PHE A 155 1.53 10.21 -6.41
N LEU A 156 0.59 10.12 -5.49
CA LEU A 156 0.73 10.69 -4.15
C LEU A 156 1.59 9.78 -3.26
N TRP A 157 2.40 10.40 -2.41
CA TRP A 157 3.17 9.61 -1.47
C TRP A 157 3.52 10.47 -0.27
N GLN A 158 4.22 9.87 0.65
CA GLN A 158 4.96 10.58 1.63
C GLN A 158 6.41 10.09 1.46
N GLU A 159 7.34 10.99 1.63
CA GLU A 159 8.75 10.64 1.69
C GLU A 159 9.36 11.26 2.93
N GLY A 160 10.03 10.42 3.73
CA GLY A 160 10.73 10.87 4.92
C GLY A 160 12.22 10.75 4.69
N HIS A 161 12.96 11.69 5.29
CA HIS A 161 14.40 11.79 5.17
C HIS A 161 14.95 12.20 6.53
N THR A 162 15.85 11.38 7.07
CA THR A 162 16.46 11.72 8.35
C THR A 162 17.98 11.63 8.28
N ALA A 163 18.62 12.32 9.23
CA ALA A 163 20.07 12.37 9.38
C ALA A 163 20.42 12.23 10.85
N HIS A 164 21.44 11.41 11.13
CA HIS A 164 21.83 11.03 12.48
C HIS A 164 23.34 11.10 12.64
N ALA A 165 23.78 11.17 13.90
CA ALA A 165 25.21 11.19 14.18
C ALA A 165 25.87 9.82 14.04
N THR A 166 25.10 8.73 14.11
CA THR A 166 25.68 7.39 14.06
C THR A 166 24.85 6.47 13.16
N GLU A 167 25.55 5.47 12.61
CA GLU A 167 24.87 4.48 11.78
C GLU A 167 23.84 3.70 12.58
N GLU A 168 24.15 3.35 13.83
CA GLU A 168 23.22 2.54 14.61
C GLU A 168 21.90 3.28 14.86
N GLU A 169 21.95 4.58 15.13
CA GLU A 169 20.72 5.31 15.35
C GLU A 169 19.89 5.39 14.07
N ALA A 170 20.56 5.64 12.94
CA ALA A 170 19.85 5.66 11.66
C ALA A 170 19.21 4.30 11.38
N TRP A 171 19.93 3.23 11.63
CA TRP A 171 19.42 1.90 11.40
C TRP A 171 18.24 1.61 12.25
N GLU A 172 18.23 2.09 13.48
CA GLU A 172 17.10 1.89 14.33
C GLU A 172 15.89 2.62 13.78
N LEU A 173 16.08 3.79 13.24
CA LEU A 173 15.00 4.51 12.66
C LEU A 173 14.48 3.80 11.42
N VAL A 174 15.36 3.27 10.60
CA VAL A 174 14.91 2.52 9.41
C VAL A 174 13.94 1.42 9.83
N LEU A 175 14.30 0.66 10.86
CA LEU A 175 13.45 -0.44 11.31
C LEU A 175 12.17 0.05 11.98
N ASP A 176 12.25 1.16 12.72
CA ASP A 176 11.03 1.74 13.30
C ASP A 176 10.04 2.16 12.23
N ILE A 177 10.53 2.79 11.16
CA ILE A 177 9.64 3.20 10.07
C ILE A 177 9.09 1.98 9.35
N LEU A 178 9.93 0.96 9.15
CA LEU A 178 9.41 -0.24 8.50
C LEU A 178 8.29 -0.87 9.34
N GLU A 179 8.41 -0.80 10.66
CA GLU A 179 7.33 -1.32 11.50
C GLU A 179 6.08 -0.47 11.35
N LEU A 180 6.24 0.85 11.23
CA LEU A 180 5.08 1.70 10.93
C LEU A 180 4.41 1.30 9.62
N TYR A 181 5.20 0.94 8.60
CA TYR A 181 4.58 0.50 7.34
C TYR A 181 3.89 -0.86 7.49
N ARG A 182 4.48 -1.75 8.29
CA ARG A 182 3.75 -2.98 8.61
C ARG A 182 2.41 -2.64 9.25
N ARG A 183 2.37 -1.64 10.13
CA ARG A 183 1.12 -1.29 10.78
C ARG A 183 0.15 -0.62 9.80
N TRP A 184 0.66 0.22 8.92
CA TRP A 184 -0.16 0.83 7.86
C TRP A 184 -0.89 -0.26 7.08
N TYR A 185 -0.14 -1.27 6.63
CA TYR A 185 -0.78 -2.31 5.82
C TYR A 185 -1.62 -3.27 6.67
N GLU A 186 -1.05 -3.81 7.74
CA GLU A 186 -1.69 -4.90 8.46
C GLU A 186 -2.75 -4.40 9.43
N GLU A 187 -2.46 -3.34 10.16
CA GLU A 187 -3.41 -2.80 11.11
C GLU A 187 -4.49 -1.93 10.47
N CYS A 188 -4.13 -1.13 9.49
CA CYS A 188 -5.13 -0.23 8.92
C CYS A 188 -5.85 -0.92 7.76
N LEU A 189 -5.09 -1.50 6.83
CA LEU A 189 -5.65 -2.01 5.60
C LEU A 189 -5.91 -3.51 5.64
N ALA A 190 -5.56 -4.19 6.75
CA ALA A 190 -5.73 -5.64 6.93
C ALA A 190 -5.06 -6.45 5.81
N VAL A 191 -3.93 -5.94 5.32
CA VAL A 191 -3.15 -6.59 4.27
C VAL A 191 -1.89 -7.17 4.92
N PRO A 192 -1.67 -8.47 4.86
CA PRO A 192 -0.43 -9.03 5.43
C PRO A 192 0.77 -8.70 4.53
N VAL A 193 1.89 -8.37 5.17
CA VAL A 193 3.12 -8.07 4.43
C VAL A 193 4.29 -8.76 5.10
N ILE A 194 5.34 -8.96 4.31
CA ILE A 194 6.57 -9.63 4.73
C ILE A 194 7.68 -8.60 4.78
N LYS A 195 8.27 -8.42 5.97
CA LYS A 195 9.45 -7.57 6.13
C LYS A 195 10.70 -8.28 5.60
N GLY A 196 11.54 -7.53 4.90
CA GLY A 196 12.78 -8.15 4.45
C GLY A 196 13.76 -7.11 3.97
N GLU A 197 14.94 -7.59 3.56
CA GLU A 197 15.96 -6.73 2.99
C GLU A 197 16.07 -7.02 1.49
N LYS A 198 16.19 -5.97 0.69
CA LYS A 198 16.35 -6.17 -0.75
C LYS A 198 17.72 -6.74 -1.06
N SER A 199 17.79 -7.54 -2.12
CA SER A 199 19.07 -7.99 -2.67
C SER A 199 19.95 -6.81 -3.09
N GLU A 200 21.24 -7.11 -3.28
CA GLU A 200 22.17 -6.07 -3.71
C GLU A 200 21.77 -5.52 -5.07
N GLY A 201 21.24 -6.37 -5.95
CA GLY A 201 20.81 -5.89 -7.26
C GLY A 201 19.54 -5.06 -7.22
N GLU A 202 18.70 -5.28 -6.21
CA GLU A 202 17.39 -4.64 -6.16
C GLU A 202 17.34 -3.45 -5.22
N LYS A 203 18.34 -3.25 -4.36
CA LYS A 203 18.29 -2.16 -3.40
C LYS A 203 18.48 -0.81 -4.11
N PHE A 204 18.13 0.26 -3.39
CA PHE A 204 18.39 1.62 -3.85
C PHE A 204 19.90 1.82 -4.00
N ALA A 205 20.33 2.13 -5.21
CA ALA A 205 21.76 2.24 -5.47
C ALA A 205 22.40 3.39 -4.71
N GLY A 206 21.63 4.41 -4.36
CA GLY A 206 22.21 5.48 -3.57
C GLY A 206 22.47 5.13 -2.12
N GLY A 207 21.93 4.00 -1.64
CA GLY A 207 22.01 3.65 -0.24
C GLY A 207 22.87 2.41 0.05
N LYS A 208 22.96 2.12 1.35
CA LYS A 208 23.70 0.99 1.90
C LYS A 208 22.85 -0.28 1.99
N LYS A 209 21.65 -0.16 2.53
CA LYS A 209 20.77 -1.32 2.68
C LYS A 209 19.33 -0.84 2.51
N THR A 210 18.54 -1.59 1.74
CA THR A 210 17.13 -1.24 1.55
C THR A 210 16.28 -2.31 2.20
N THR A 211 15.42 -1.90 3.14
CA THR A 211 14.42 -2.79 3.72
C THR A 211 13.07 -2.52 3.09
N THR A 212 12.20 -3.53 3.14
CA THR A 212 10.96 -3.47 2.39
C THR A 212 9.90 -4.25 3.13
N VAL A 213 8.63 -3.92 2.87
CA VAL A 213 7.51 -4.79 3.15
C VAL A 213 6.91 -5.19 1.80
N GLU A 214 6.69 -6.48 1.62
CA GLU A 214 6.21 -7.03 0.36
C GLU A 214 4.84 -7.66 0.55
N ALA A 215 3.93 -7.41 -0.41
CA ALA A 215 2.63 -8.06 -0.42
C ALA A 215 2.54 -9.01 -1.60
N PHE A 216 1.44 -9.77 -1.64
CA PHE A 216 1.26 -10.83 -2.63
C PHE A 216 -0.16 -10.75 -3.18
N ILE A 217 -0.27 -10.85 -4.51
CA ILE A 217 -1.55 -10.84 -5.23
C ILE A 217 -1.77 -12.25 -5.78
N PRO A 218 -2.62 -13.05 -5.13
CA PRO A 218 -2.80 -14.45 -5.56
C PRO A 218 -3.35 -14.60 -6.97
N GLU A 219 -4.19 -13.67 -7.42
CA GLU A 219 -4.91 -13.88 -8.68
C GLU A 219 -3.97 -13.84 -9.88
N ASN A 220 -2.86 -13.10 -9.80
CA ASN A 220 -1.86 -13.16 -10.85
C ASN A 220 -0.52 -13.68 -10.35
N GLY A 221 -0.45 -14.10 -9.09
CA GLY A 221 0.77 -14.71 -8.57
C GLY A 221 1.89 -13.73 -8.34
N ARG A 222 1.61 -12.43 -8.29
CA ARG A 222 2.71 -11.46 -8.31
C ARG A 222 2.98 -10.92 -6.91
N GLY A 223 4.27 -10.80 -6.57
CA GLY A 223 4.64 -9.97 -5.43
C GLY A 223 4.61 -8.51 -5.80
N ILE A 224 4.37 -7.65 -4.81
CA ILE A 224 4.38 -6.22 -5.03
C ILE A 224 4.98 -5.51 -3.83
N GLN A 225 5.92 -4.62 -4.08
CA GLN A 225 6.53 -3.89 -2.99
C GLN A 225 5.51 -2.93 -2.40
N ALA A 226 5.31 -2.99 -1.08
CA ALA A 226 4.29 -2.19 -0.41
C ALA A 226 4.83 -0.86 0.11
N ALA A 227 6.05 -0.83 0.61
CA ALA A 227 6.68 0.40 1.11
C ALA A 227 8.16 0.10 1.29
N THR A 228 8.97 1.13 1.53
CA THR A 228 10.41 0.93 1.57
C THR A 228 11.05 1.85 2.61
N SER A 229 12.14 1.36 3.21
CA SER A 229 12.87 2.14 4.21
C SER A 229 14.35 1.87 4.02
N HIS A 230 15.10 2.91 3.66
CA HIS A 230 16.50 2.77 3.25
C HIS A 230 17.42 3.24 4.35
N LEU A 231 18.43 2.43 4.64
CA LEU A 231 19.61 2.90 5.36
C LEU A 231 20.56 3.47 4.32
N LEU A 232 20.69 4.80 4.28
CA LEU A 232 21.52 5.42 3.27
C LEU A 232 22.97 5.46 3.71
N GLY A 233 23.22 5.42 5.01
CA GLY A 233 24.61 5.49 5.44
C GLY A 233 25.16 6.88 5.18
N THR A 234 26.42 6.96 4.75
CA THR A 234 27.08 8.24 4.52
C THR A 234 27.27 8.60 3.06
N ASN A 235 26.76 7.78 2.15
CA ASN A 235 26.92 8.01 0.74
C ASN A 235 26.44 9.37 0.29
N PHE A 236 25.21 9.74 0.60
CA PHE A 236 24.67 11.04 0.24
C PHE A 236 25.31 12.15 1.04
N ALA A 237 25.75 11.85 2.27
CA ALA A 237 26.45 12.85 3.08
C ALA A 237 27.76 13.26 2.43
N LYS A 238 28.48 12.30 1.87
CA LYS A 238 29.68 12.65 1.11
C LYS A 238 29.32 13.44 -0.13
N MET A 239 28.31 13.00 -0.87
CA MET A 239 27.99 13.66 -2.14
C MET A 239 27.53 15.11 -1.93
N PHE A 240 26.77 15.36 -0.87
CA PHE A 240 26.24 16.70 -0.62
C PHE A 240 26.96 17.44 0.51
N GLU A 241 28.01 16.85 1.07
CA GLU A 241 28.82 17.51 2.11
C GLU A 241 27.98 17.86 3.33
N ILE A 242 27.21 16.89 3.81
CA ILE A 242 26.42 17.05 5.01
C ILE A 242 27.26 16.51 6.17
N GLU A 243 27.85 17.42 6.94
CA GLU A 243 28.75 17.05 8.02
C GLU A 243 28.39 17.82 9.29
N PHE A 244 28.77 17.24 10.42
CA PHE A 244 28.53 17.83 11.74
C PHE A 244 29.79 17.76 12.58
N GLU A 245 29.83 18.58 13.61
CA GLU A 245 30.96 18.61 14.55
C GLU A 245 30.60 17.90 15.85
N ASP A 246 31.48 17.01 16.30
CA ASP A 246 31.38 16.45 17.64
C ASP A 246 31.74 17.51 18.68
N GLU A 247 31.59 17.16 19.96
CA GLU A 247 31.95 18.10 21.01
C GLU A 247 33.46 18.30 21.12
N GLU A 248 34.26 17.39 20.58
CA GLU A 248 35.70 17.63 20.49
C GLU A 248 36.06 18.55 19.34
N GLY A 249 35.17 18.70 18.35
CA GLY A 249 35.34 19.65 17.27
C GLY A 249 35.71 19.07 15.92
N HIS A 250 35.71 17.74 15.76
CA HIS A 250 36.03 17.13 14.47
C HIS A 250 34.78 16.97 13.64
N LYS A 251 34.94 17.11 12.32
CA LYS A 251 33.83 17.02 11.40
C LYS A 251 33.63 15.58 10.93
N ARG A 252 32.37 15.13 10.95
CA ARG A 252 32.00 13.76 10.63
C ARG A 252 30.80 13.80 9.69
N LEU A 253 30.70 12.77 8.84
CA LEU A 253 29.54 12.66 7.96
C LEU A 253 28.33 12.22 8.76
N VAL A 254 27.15 12.74 8.38
CA VAL A 254 25.91 12.24 8.95
C VAL A 254 25.58 10.88 8.33
N HIS A 255 24.69 10.16 9.01
CA HIS A 255 24.21 8.86 8.57
C HIS A 255 22.72 9.01 8.30
N GLN A 256 22.29 8.71 7.08
CA GLN A 256 20.97 9.11 6.64
C GLN A 256 20.08 7.90 6.38
N THR A 257 18.77 8.20 6.42
CA THR A 257 17.70 7.31 6.03
C THR A 257 16.74 8.04 5.10
N SER A 258 16.02 7.27 4.29
CA SER A 258 14.86 7.78 3.58
C SER A 258 13.86 6.64 3.38
N TRP A 259 12.60 6.98 3.33
CA TRP A 259 11.54 6.01 3.34
C TRP A 259 10.28 6.54 2.66
N GLY A 260 9.49 5.68 2.05
CA GLY A 260 8.28 6.19 1.43
C GLY A 260 7.22 5.14 1.23
N CYS A 261 6.01 5.65 1.00
CA CYS A 261 4.86 4.78 0.77
C CYS A 261 3.83 5.60 -0.01
N THR A 262 3.08 4.93 -0.89
CA THR A 262 2.28 5.66 -1.87
C THR A 262 0.82 5.19 -1.83
N THR A 263 0.00 5.80 -2.68
CA THR A 263 -1.38 5.34 -2.87
C THR A 263 -1.47 3.96 -3.50
N ARG A 264 -0.35 3.37 -3.94
CA ARG A 264 -0.33 1.95 -4.25
C ARG A 264 -0.98 1.13 -3.13
N SER A 265 -0.79 1.55 -1.88
CA SER A 265 -1.37 0.85 -0.74
C SER A 265 -2.87 0.64 -0.90
N LEU A 266 -3.58 1.65 -1.42
CA LEU A 266 -5.02 1.49 -1.63
C LEU A 266 -5.32 0.39 -2.64
N GLY A 267 -4.57 0.36 -3.75
CA GLY A 267 -4.79 -0.70 -4.74
C GLY A 267 -4.56 -2.07 -4.15
N VAL A 268 -3.52 -2.19 -3.31
CA VAL A 268 -3.22 -3.49 -2.71
C VAL A 268 -4.38 -3.89 -1.82
N MET A 269 -4.91 -2.93 -1.06
CA MET A 269 -6.05 -3.24 -0.20
CA MET A 269 -6.07 -3.20 -0.21
C MET A 269 -7.24 -3.69 -1.04
N ILE A 270 -7.49 -2.98 -2.16
CA ILE A 270 -8.63 -3.31 -3.01
C ILE A 270 -8.50 -4.73 -3.51
N MET A 271 -7.29 -5.08 -3.99
CA MET A 271 -7.12 -6.39 -4.58
C MET A 271 -7.21 -7.48 -3.52
N THR A 272 -6.84 -7.14 -2.29
CA THR A 272 -6.73 -8.18 -1.28
C THR A 272 -8.12 -8.62 -0.83
N HIS A 273 -8.98 -7.66 -0.52
CA HIS A 273 -10.26 -7.98 0.12
C HIS A 273 -11.45 -8.03 -0.84
N GLY A 274 -11.32 -7.53 -2.06
CA GLY A 274 -12.47 -7.47 -2.94
C GLY A 274 -13.00 -8.86 -3.29
N ASP A 275 -14.27 -8.89 -3.68
CA ASP A 275 -14.88 -10.16 -4.10
C ASP A 275 -15.71 -9.91 -5.35
N ASP A 276 -16.52 -10.92 -5.74
CA ASP A 276 -17.26 -10.81 -6.99
C ASP A 276 -18.30 -9.70 -6.96
N LYS A 277 -18.74 -9.28 -5.78
CA LYS A 277 -19.69 -8.17 -5.73
C LYS A 277 -19.02 -6.81 -5.79
N GLY A 278 -17.70 -6.75 -5.64
CA GLY A 278 -17.01 -5.47 -5.63
C GLY A 278 -16.05 -5.27 -4.48
N LEU A 279 -15.88 -4.02 -4.04
CA LEU A 279 -14.96 -3.71 -2.95
C LEU A 279 -15.43 -4.31 -1.64
N VAL A 280 -14.48 -4.61 -0.76
CA VAL A 280 -14.73 -4.81 0.65
C VAL A 280 -13.69 -3.97 1.39
N ILE A 281 -14.13 -2.96 2.11
CA ILE A 281 -13.22 -2.01 2.77
C ILE A 281 -13.10 -2.37 4.25
N PRO A 282 -11.88 -2.58 4.76
CA PRO A 282 -11.71 -2.83 6.20
C PRO A 282 -12.33 -1.73 7.04
N PRO A 283 -13.07 -2.09 8.09
CA PRO A 283 -13.73 -1.07 8.91
C PRO A 283 -12.81 0.03 9.42
N ARG A 284 -11.54 -0.26 9.69
CA ARG A 284 -10.69 0.79 10.26
C ARG A 284 -10.43 1.93 9.30
N VAL A 285 -10.61 1.74 8.00
CA VAL A 285 -10.40 2.83 7.05
C VAL A 285 -11.65 3.17 6.26
N ALA A 286 -12.76 2.46 6.48
CA ALA A 286 -13.98 2.74 5.74
C ALA A 286 -14.53 4.11 6.11
N SER A 287 -14.77 4.96 5.10
CA SER A 287 -15.33 6.27 5.41
C SER A 287 -16.78 6.16 5.88
N VAL A 288 -17.54 5.21 5.34
CA VAL A 288 -18.82 4.80 5.87
C VAL A 288 -18.64 3.39 6.40
N GLN A 289 -18.72 3.23 7.72
CA GLN A 289 -18.65 1.89 8.32
C GLN A 289 -20.00 1.21 8.32
N VAL A 290 -21.07 1.95 8.58
CA VAL A 290 -22.42 1.41 8.68
C VAL A 290 -23.30 2.25 7.78
N VAL A 291 -23.96 1.63 6.81
CA VAL A 291 -24.99 2.31 6.04
C VAL A 291 -26.34 1.84 6.56
N ILE A 292 -27.20 2.80 6.90
CA ILE A 292 -28.54 2.51 7.41
C ILE A 292 -29.51 2.65 6.25
N ILE A 293 -30.25 1.59 5.96
CA ILE A 293 -31.21 1.57 4.87
C ILE A 293 -32.60 1.38 5.46
N PRO A 294 -33.40 2.43 5.52
CA PRO A 294 -34.78 2.27 5.97
C PRO A 294 -35.61 1.55 4.92
N ILE A 295 -36.49 0.66 5.37
CA ILE A 295 -37.49 0.08 4.49
C ILE A 295 -38.64 1.07 4.40
N LEU A 296 -39.04 1.42 3.18
CA LEU A 296 -40.00 2.49 2.99
C LEU A 296 -41.22 2.04 2.20
N PHE A 297 -41.98 1.11 2.76
CA PHE A 297 -43.27 0.74 2.18
C PHE A 297 -44.16 1.97 2.02
N LYS A 298 -44.99 1.98 0.97
CA LYS A 298 -45.93 3.07 0.85
C LYS A 298 -46.93 3.07 2.00
N ASP A 299 -47.29 1.89 2.48
CA ASP A 299 -48.30 1.70 3.52
C ASP A 299 -47.61 1.50 4.87
N GLU A 300 -46.91 2.55 5.31
CA GLU A 300 -46.21 2.48 6.59
C GLU A 300 -46.03 3.89 7.13
N ASN A 301 -45.73 3.98 8.42
CA ASN A 301 -45.39 5.25 9.07
C ASN A 301 -43.94 5.59 8.74
N THR A 302 -43.74 6.12 7.54
CA THR A 302 -42.37 6.39 7.09
C THR A 302 -41.65 7.38 8.01
N GLY A 303 -42.38 8.36 8.54
CA GLY A 303 -41.74 9.33 9.43
C GLY A 303 -41.16 8.69 10.68
N GLU A 304 -41.88 7.73 11.25
CA GLU A 304 -41.41 7.00 12.42
C GLU A 304 -40.17 6.18 12.11
N ILE A 305 -40.15 5.51 10.96
CA ILE A 305 -39.00 4.71 10.56
C ILE A 305 -37.77 5.61 10.35
N LEU A 306 -37.96 6.72 9.63
CA LEU A 306 -36.84 7.63 9.40
C LEU A 306 -36.35 8.24 10.72
N GLY A 307 -37.27 8.60 11.62
CA GLY A 307 -36.86 9.16 12.89
C GLY A 307 -36.05 8.18 13.72
N LYS A 308 -36.39 6.92 13.66
CA LYS A 308 -35.64 5.93 14.37
C LYS A 308 -34.28 5.73 13.74
N CYS A 309 -34.23 5.77 12.43
CA CYS A 309 -32.93 5.70 11.77
C CYS A 309 -32.01 6.85 12.23
N ARG A 310 -32.57 8.05 12.34
CA ARG A 310 -31.78 9.19 12.81
C ARG A 310 -31.31 8.96 14.24
N GLU A 311 -32.20 8.48 15.11
CA GLU A 311 -31.81 8.21 16.49
C GLU A 311 -30.69 7.17 16.56
N LEU A 312 -30.81 6.10 15.76
CA LEU A 312 -29.78 5.07 15.77
C LEU A 312 -28.45 5.64 15.26
N LYS A 313 -28.50 6.49 14.24
CA LYS A 313 -27.29 7.10 13.74
C LYS A 313 -26.61 7.92 14.84
N THR A 314 -27.39 8.71 15.56
CA THR A 314 -26.82 9.51 16.66
C THR A 314 -26.20 8.60 17.72
N MET A 315 -26.91 7.54 18.10
CA MET A 315 -26.43 6.61 19.10
C MET A 315 -25.13 5.94 18.68
N LEU A 316 -25.01 5.59 17.39
CA LEU A 316 -23.79 4.96 16.91
C LEU A 316 -22.64 5.96 16.82
N GLU A 317 -22.95 7.20 16.42
CA GLU A 317 -21.89 8.20 16.29
C GLU A 317 -21.31 8.55 17.65
N LYS A 318 -22.10 8.37 18.72
CA LYS A 318 -21.53 8.56 20.05
C LYS A 318 -20.46 7.53 20.39
N ALA A 319 -20.48 6.37 19.72
CA ALA A 319 -19.40 5.40 19.83
C ALA A 319 -18.34 5.56 18.74
N ASP A 320 -18.34 6.70 18.04
CA ASP A 320 -17.41 7.03 16.97
C ASP A 320 -17.55 6.12 15.76
N ILE A 321 -18.72 5.52 15.59
CA ILE A 321 -18.99 4.73 14.39
C ILE A 321 -19.39 5.70 13.28
N ARG A 322 -18.85 5.49 12.08
CA ARG A 322 -19.10 6.37 10.94
C ARG A 322 -20.31 5.86 10.16
N VAL A 323 -21.40 6.65 10.15
CA VAL A 323 -22.72 6.19 9.71
C VAL A 323 -23.23 7.07 8.59
N ARG A 324 -23.86 6.45 7.60
CA ARG A 324 -24.62 7.18 6.61
C ARG A 324 -26.01 6.56 6.50
N ILE A 325 -27.05 7.38 6.43
CA ILE A 325 -28.40 6.92 6.14
C ILE A 325 -28.69 7.12 4.67
N ASP A 326 -29.09 6.06 3.97
CA ASP A 326 -29.54 6.19 2.58
C ASP A 326 -31.06 6.10 2.60
N ASP A 327 -31.71 7.27 2.73
CA ASP A 327 -33.16 7.32 2.80
C ASP A 327 -33.80 7.73 1.48
N ARG A 328 -33.09 7.56 0.37
CA ARG A 328 -33.65 7.96 -0.92
C ARG A 328 -34.89 7.13 -1.25
N SER A 329 -36.02 7.80 -1.49
CA SER A 329 -37.26 7.09 -1.76
C SER A 329 -37.31 6.50 -3.17
N ASN A 330 -36.49 6.99 -4.09
CA ASN A 330 -36.65 6.63 -5.50
C ASN A 330 -35.82 5.41 -5.91
N TYR A 331 -35.16 4.76 -4.96
CA TYR A 331 -34.46 3.51 -5.21
C TYR A 331 -34.97 2.44 -4.25
N THR A 332 -35.06 1.21 -4.75
CA THR A 332 -35.49 0.10 -3.93
C THR A 332 -34.41 -0.28 -2.91
N PRO A 333 -34.80 -0.98 -1.84
CA PRO A 333 -33.77 -1.54 -0.95
C PRO A 333 -32.79 -2.44 -1.69
N GLY A 334 -33.24 -3.29 -2.60
CA GLY A 334 -32.31 -4.15 -3.32
C GLY A 334 -31.25 -3.36 -4.09
N TRP A 335 -31.68 -2.27 -4.73
CA TRP A 335 -30.74 -1.38 -5.42
C TRP A 335 -29.72 -0.82 -4.45
N LYS A 336 -30.19 -0.37 -3.29
CA LYS A 336 -29.28 0.20 -2.30
C LYS A 336 -28.32 -0.85 -1.75
N TYR A 337 -28.82 -2.05 -1.47
CA TYR A 337 -27.96 -3.11 -0.98
C TYR A 337 -26.79 -3.31 -1.94
N ASN A 338 -27.10 -3.45 -3.24
CA ASN A 338 -26.03 -3.62 -4.21
C ASN A 338 -25.13 -2.39 -4.25
N HIS A 339 -25.73 -1.20 -4.24
CA HIS A 339 -24.95 0.02 -4.40
C HIS A 339 -23.88 0.14 -3.33
N TRP A 340 -24.24 -0.11 -2.08
CA TRP A 340 -23.25 0.00 -1.01
C TRP A 340 -22.36 -1.24 -0.89
N GLU A 341 -22.80 -2.40 -1.41
CA GLU A 341 -21.90 -3.55 -1.48
C GLU A 341 -20.77 -3.29 -2.47
N VAL A 342 -21.10 -2.75 -3.64
CA VAL A 342 -20.09 -2.44 -4.65
C VAL A 342 -19.04 -1.49 -4.07
N LYS A 343 -19.47 -0.52 -3.27
CA LYS A 343 -18.56 0.44 -2.66
C LYS A 343 -17.85 -0.12 -1.42
N GLY A 344 -18.23 -1.30 -0.94
CA GLY A 344 -17.45 -1.94 0.11
C GLY A 344 -17.77 -1.55 1.52
N VAL A 345 -18.91 -0.91 1.77
CA VAL A 345 -19.30 -0.58 3.15
C VAL A 345 -19.36 -1.85 3.98
N PRO A 346 -18.69 -1.94 5.12
CA PRO A 346 -18.56 -3.26 5.78
C PRO A 346 -19.82 -3.72 6.49
N LEU A 347 -20.72 -2.81 6.88
CA LEU A 347 -21.94 -3.19 7.59
C LEU A 347 -23.11 -2.45 6.98
N ARG A 348 -24.20 -3.16 6.76
CA ARG A 348 -25.45 -2.46 6.46
C ARG A 348 -26.48 -2.79 7.52
N LEU A 349 -27.24 -1.78 7.92
CA LEU A 349 -28.29 -1.92 8.93
C LEU A 349 -29.61 -1.63 8.25
N GLU A 350 -30.54 -2.57 8.36
CA GLU A 350 -31.86 -2.50 7.77
C GLU A 350 -32.88 -2.29 8.88
N LEU A 351 -33.82 -1.38 8.66
CA LEU A 351 -34.86 -1.08 9.63
C LEU A 351 -36.19 -0.84 8.93
N GLY A 352 -37.16 -1.69 9.21
CA GLY A 352 -38.51 -1.53 8.70
C GLY A 352 -39.52 -1.63 9.83
N PRO A 353 -40.81 -1.61 9.51
CA PRO A 353 -41.83 -1.64 10.57
C PRO A 353 -41.74 -2.84 11.51
N LYS A 354 -41.41 -4.03 11.02
CA LYS A 354 -41.37 -5.19 11.91
C LYS A 354 -40.20 -5.08 12.90
N ASP A 355 -39.06 -4.57 12.41
CA ASP A 355 -37.92 -4.31 13.29
C ASP A 355 -38.28 -3.32 14.37
N LEU A 356 -38.92 -2.21 13.97
CA LEU A 356 -39.34 -1.22 14.96
C LEU A 356 -40.28 -1.84 15.98
N ALA A 357 -41.20 -2.70 15.55
CA ALA A 357 -42.11 -3.34 16.50
C ALA A 357 -41.36 -4.23 17.47
N LYS A 358 -40.27 -4.87 17.03
CA LYS A 358 -39.52 -5.75 17.90
C LYS A 358 -38.41 -5.03 18.70
N GLY A 359 -38.13 -3.76 18.39
CA GLY A 359 -37.03 -3.08 19.05
C GLY A 359 -35.66 -3.55 18.62
N THR A 360 -35.52 -4.06 17.40
CA THR A 360 -34.25 -4.58 16.90
C THR A 360 -33.93 -3.99 15.53
N ALA A 361 -32.72 -4.27 15.06
CA ALA A 361 -32.31 -3.94 13.71
C ALA A 361 -31.66 -5.16 13.07
N ARG A 362 -31.75 -5.24 11.75
CA ARG A 362 -31.09 -6.32 11.02
C ARG A 362 -29.77 -5.80 10.48
N VAL A 363 -28.67 -6.51 10.77
CA VAL A 363 -27.34 -6.04 10.36
C VAL A 363 -26.69 -7.12 9.51
N VAL A 364 -26.18 -6.73 8.35
CA VAL A 364 -25.57 -7.66 7.41
C VAL A 364 -24.11 -7.26 7.20
N ARG A 365 -23.20 -8.21 7.40
CA ARG A 365 -21.79 -7.91 7.20
C ARG A 365 -21.37 -8.20 5.76
N ARG A 366 -20.53 -7.32 5.23
CA ARG A 366 -20.21 -7.30 3.81
C ARG A 366 -19.30 -8.46 3.41
N ASP A 367 -18.39 -8.87 4.30
CA ASP A 367 -17.39 -9.86 3.91
C ASP A 367 -17.98 -11.25 3.74
N THR A 368 -18.91 -11.65 4.62
CA THR A 368 -19.49 -12.99 4.57
C THR A 368 -20.97 -13.02 4.24
N GLY A 369 -21.67 -11.90 4.35
CA GLY A 369 -23.10 -11.88 4.17
C GLY A 369 -23.90 -12.36 5.35
N GLU A 370 -23.25 -12.65 6.47
CA GLU A 370 -23.98 -13.15 7.63
C GLU A 370 -24.85 -12.03 8.20
N ALA A 371 -26.07 -12.39 8.61
CA ALA A 371 -27.03 -11.44 9.12
C ALA A 371 -27.24 -11.67 10.61
N TYR A 372 -27.51 -10.56 11.32
CA TYR A 372 -27.70 -10.58 12.77
C TYR A 372 -28.93 -9.75 13.13
N GLN A 373 -29.64 -10.16 14.16
CA GLN A 373 -30.75 -9.39 14.71
CA GLN A 373 -30.76 -9.41 14.71
C GLN A 373 -30.28 -8.85 16.06
N ILE A 374 -30.14 -7.53 16.16
CA ILE A 374 -29.54 -6.89 17.32
C ILE A 374 -30.51 -5.91 17.97
N SER A 375 -30.67 -6.03 19.30
CA SER A 375 -31.45 -5.05 20.05
C SER A 375 -30.84 -3.66 19.91
N TRP A 376 -31.70 -2.64 19.98
CA TRP A 376 -31.20 -1.28 19.89
C TRP A 376 -30.23 -0.96 21.02
N ALA A 377 -30.50 -1.47 22.23
CA ALA A 377 -29.61 -1.20 23.35
C ALA A 377 -28.24 -1.84 23.16
N ASP A 378 -28.16 -2.96 22.44
CA ASP A 378 -26.90 -3.65 22.21
C ASP A 378 -26.17 -3.15 20.98
N LEU A 379 -26.76 -2.22 20.23
CA LEU A 379 -26.29 -1.96 18.88
C LEU A 379 -24.86 -1.43 18.87
N ALA A 380 -24.57 -0.40 19.67
CA ALA A 380 -23.23 0.18 19.61
C ALA A 380 -22.14 -0.83 20.02
N PRO A 381 -22.19 -1.48 21.19
CA PRO A 381 -21.13 -2.43 21.52
C PRO A 381 -21.08 -3.62 20.57
N LYS A 382 -22.24 -4.12 20.13
CA LYS A 382 -22.23 -5.25 19.22
C LYS A 382 -21.63 -4.88 17.87
N LEU A 383 -21.91 -3.67 17.37
CA LEU A 383 -21.34 -3.28 16.09
C LEU A 383 -19.85 -3.01 16.21
N LEU A 384 -19.40 -2.47 17.34
CA LEU A 384 -17.96 -2.33 17.53
C LEU A 384 -17.28 -3.69 17.50
N GLU A 385 -17.87 -4.66 18.20
CA GLU A 385 -17.33 -6.01 18.21
C GLU A 385 -17.35 -6.62 16.81
N LEU A 386 -18.44 -6.38 16.07
CA LEU A 386 -18.55 -6.96 14.74
C LEU A 386 -17.52 -6.33 13.79
N MET A 387 -17.31 -5.03 13.88
CA MET A 387 -16.31 -4.42 13.01
C MET A 387 -14.91 -4.93 13.32
N GLU A 388 -14.60 -5.13 14.61
CA GLU A 388 -13.31 -5.72 14.94
C GLU A 388 -13.20 -7.15 14.41
N GLY A 389 -14.29 -7.91 14.48
CA GLY A 389 -14.27 -9.25 13.91
C GLY A 389 -14.07 -9.24 12.40
N ILE A 390 -14.71 -8.29 11.72
CA ILE A 390 -14.58 -8.20 10.27
C ILE A 390 -13.14 -7.85 9.90
N GLN A 391 -12.59 -6.82 10.57
CA GLN A 391 -11.20 -6.42 10.32
C GLN A 391 -10.24 -7.59 10.52
N ARG A 392 -10.38 -8.29 11.64
CA ARG A 392 -9.49 -9.41 11.93
C ARG A 392 -9.69 -10.55 10.94
N SER A 393 -10.92 -10.81 10.52
CA SER A 393 -11.17 -11.93 9.61
C SER A 393 -10.62 -11.62 8.22
N LEU A 394 -10.80 -10.38 7.76
CA LEU A 394 -10.19 -9.97 6.49
C LEU A 394 -8.68 -10.18 6.53
N PHE A 395 -8.04 -9.78 7.63
CA PHE A 395 -6.59 -9.96 7.72
C PHE A 395 -6.20 -11.43 7.77
N GLU A 396 -6.91 -12.22 8.59
CA GLU A 396 -6.49 -13.60 8.78
C GLU A 396 -6.70 -14.42 7.52
N LYS A 397 -7.79 -14.17 6.80
CA LYS A 397 -7.99 -14.88 5.53
C LYS A 397 -6.95 -14.47 4.50
N ALA A 398 -6.63 -13.18 4.42
CA ALA A 398 -5.56 -12.76 3.52
C ALA A 398 -4.22 -13.39 3.91
N LYS A 399 -3.96 -13.51 5.21
CA LYS A 399 -2.71 -14.10 5.67
C LYS A 399 -2.65 -15.58 5.31
N ALA A 400 -3.77 -16.29 5.44
CA ALA A 400 -3.80 -17.68 5.01
C ALA A 400 -3.53 -17.80 3.51
N ARG A 401 -4.07 -16.87 2.71
CA ARG A 401 -3.81 -16.92 1.27
C ARG A 401 -2.35 -16.62 0.96
N LEU A 402 -1.74 -15.70 1.72
CA LEU A 402 -0.33 -15.39 1.55
C LEU A 402 0.53 -16.63 1.82
N HIS A 403 0.25 -17.32 2.92
CA HIS A 403 1.13 -18.42 3.24
C HIS A 403 0.87 -19.65 2.37
N GLU A 404 -0.29 -19.73 1.77
CA GLU A 404 -0.56 -20.79 0.87
C GLU A 404 0.01 -20.46 -0.50
N GLY A 405 0.32 -19.20 -0.72
CA GLY A 405 0.92 -18.73 -1.94
C GLY A 405 2.43 -18.80 -1.99
N ILE A 406 3.09 -19.28 -0.94
CA ILE A 406 4.55 -19.37 -0.92
C ILE A 406 4.95 -20.83 -0.83
N GLU A 407 5.79 -21.27 -1.76
CA GLU A 407 6.32 -22.63 -1.76
C GLU A 407 7.79 -22.59 -1.33
N LYS A 408 8.11 -23.34 -0.29
CA LYS A 408 9.51 -23.51 0.11
C LYS A 408 10.14 -24.58 -0.76
N ILE A 409 11.21 -24.23 -1.48
CA ILE A 409 11.84 -25.13 -2.44
C ILE A 409 13.33 -25.27 -2.11
N SER A 410 13.97 -26.26 -2.73
CA SER A 410 15.40 -26.48 -2.55
C SER A 410 16.18 -26.51 -3.86
N THR A 411 15.52 -26.68 -5.01
CA THR A 411 16.17 -26.87 -6.29
C THR A 411 15.53 -25.95 -7.31
N PHE A 412 16.31 -25.57 -8.33
CA PHE A 412 15.75 -24.72 -9.38
C PHE A 412 14.68 -25.44 -10.18
N ASP A 413 14.72 -26.78 -10.20
CA ASP A 413 13.70 -27.56 -10.90
C ASP A 413 12.30 -27.28 -10.38
N GLU A 414 12.19 -26.87 -9.12
CA GLU A 414 10.88 -26.61 -8.55
C GLU A 414 10.36 -25.23 -8.89
N VAL A 415 11.17 -24.38 -9.52
CA VAL A 415 10.78 -22.97 -9.70
C VAL A 415 9.60 -22.85 -10.66
N MET A 416 9.77 -23.33 -11.89
CA MET A 416 8.73 -23.09 -12.90
C MET A 416 7.40 -23.73 -12.53
N PRO A 417 7.34 -24.96 -11.99
CA PRO A 417 6.03 -25.45 -11.53
C PRO A 417 5.39 -24.55 -10.50
N ALA A 418 6.19 -24.04 -9.54
CA ALA A 418 5.64 -23.17 -8.52
C ALA A 418 5.15 -21.86 -9.12
N LEU A 419 5.92 -21.29 -10.04
CA LEU A 419 5.45 -20.08 -10.74
C LEU A 419 4.16 -20.37 -11.50
N ASN A 420 4.02 -21.58 -12.04
CA ASN A 420 2.84 -21.87 -12.86
C ASN A 420 1.61 -22.05 -11.99
N ARG A 421 1.78 -22.36 -10.71
CA ARG A 421 0.69 -22.32 -9.75
C ARG A 421 0.44 -20.92 -9.21
N LYS A 422 1.09 -19.90 -9.81
CA LYS A 422 0.97 -18.50 -9.37
C LYS A 422 1.39 -18.34 -7.90
N HIS A 423 2.51 -18.97 -7.57
CA HIS A 423 3.08 -18.89 -6.23
C HIS A 423 4.43 -18.18 -6.24
N LEU A 424 4.80 -17.68 -5.08
CA LEU A 424 6.18 -17.28 -4.80
C LEU A 424 6.97 -18.48 -4.33
N VAL A 425 8.29 -18.36 -4.38
CA VAL A 425 9.15 -19.43 -3.88
C VAL A 425 10.09 -18.87 -2.82
N LEU A 426 10.28 -19.64 -1.76
CA LEU A 426 11.26 -19.32 -0.73
C LEU A 426 12.39 -20.35 -0.88
N ALA A 427 13.59 -19.87 -1.19
CA ALA A 427 14.66 -20.79 -1.56
C ALA A 427 15.96 -20.38 -0.91
N PRO A 428 16.80 -21.34 -0.53
CA PRO A 428 18.14 -20.99 -0.03
C PRO A 428 18.98 -20.40 -1.16
N TRP A 429 19.66 -19.30 -0.87
CA TRP A 429 20.35 -18.56 -1.91
C TRP A 429 21.72 -18.09 -1.44
N CYS A 430 22.66 -18.17 -2.40
CA CYS A 430 24.05 -17.74 -2.24
C CYS A 430 24.21 -16.22 -2.20
N GLU A 431 23.20 -15.47 -2.67
CA GLU A 431 23.15 -14.01 -2.64
C GLU A 431 24.17 -13.36 -3.56
N ASP A 432 24.80 -14.12 -4.44
CA ASP A 432 25.64 -13.51 -5.47
C ASP A 432 24.76 -12.76 -6.48
N PRO A 433 25.03 -11.47 -6.73
CA PRO A 433 24.11 -10.68 -7.59
C PRO A 433 24.08 -11.14 -9.04
N GLU A 434 25.23 -11.61 -9.50
CA GLU A 434 25.27 -12.14 -10.81
C GLU A 434 24.28 -13.28 -10.98
N SER A 435 24.10 -14.11 -9.98
CA SER A 435 23.16 -15.21 -10.08
C SER A 435 21.71 -14.72 -10.11
N GLU A 436 21.40 -13.62 -9.41
CA GLU A 436 20.05 -13.10 -9.53
C GLU A 436 19.75 -12.71 -10.96
N GLU A 437 20.72 -12.09 -11.65
CA GLU A 437 20.38 -11.67 -13.01
C GLU A 437 20.32 -12.88 -13.96
N GLN A 438 21.14 -13.91 -13.69
CA GLN A 438 21.01 -15.14 -14.47
C GLN A 438 19.63 -15.78 -14.27
N ILE A 439 19.14 -15.76 -13.03
CA ILE A 439 17.84 -16.35 -12.71
C ILE A 439 16.71 -15.57 -13.37
N LYS A 440 16.79 -14.23 -13.33
CA LYS A 440 15.80 -13.42 -14.05
C LYS A 440 15.76 -13.77 -15.53
N LYS A 441 16.94 -13.85 -16.16
CA LYS A 441 16.99 -14.13 -17.59
C LYS A 441 16.42 -15.52 -17.92
N GLU A 442 16.81 -16.53 -17.14
CA GLU A 442 16.37 -17.88 -17.48
C GLU A 442 14.88 -18.06 -17.25
N THR A 443 14.35 -17.54 -16.12
CA THR A 443 12.92 -17.70 -15.87
C THR A 443 12.10 -16.91 -16.87
N GLN A 444 12.60 -15.76 -17.33
CA GLN A 444 11.91 -15.06 -18.41
C GLN A 444 11.85 -15.92 -19.67
N LYS A 445 12.99 -16.50 -20.07
CA LYS A 445 13.01 -17.31 -21.29
C LYS A 445 12.06 -18.50 -21.20
N LEU A 446 12.08 -19.21 -20.07
CA LEU A 446 11.17 -20.33 -19.88
C LEU A 446 9.71 -19.88 -19.90
N SER A 447 9.42 -18.69 -19.34
CA SER A 447 8.06 -18.18 -19.36
C SER A 447 7.60 -17.89 -20.79
N GLU A 448 8.50 -17.39 -21.63
CA GLU A 448 8.13 -17.14 -23.03
C GLU A 448 7.81 -18.45 -23.75
N ILE A 449 8.65 -19.46 -23.55
CA ILE A 449 8.37 -20.77 -24.13
C ILE A 449 6.99 -21.25 -23.73
N GLN A 450 6.66 -21.11 -22.46
CA GLN A 450 5.39 -21.56 -22.01
C GLN A 450 4.30 -20.78 -22.60
N ALA A 451 4.50 -19.51 -22.75
CA ALA A 451 3.48 -18.67 -23.35
C ALA A 451 3.12 -19.16 -24.74
N ILE A 452 4.13 -19.54 -25.53
CA ILE A 452 3.85 -20.03 -26.87
C ILE A 452 3.12 -21.37 -26.80
N GLU A 453 3.48 -22.22 -25.84
CA GLU A 453 2.73 -23.46 -25.67
C GLU A 453 1.30 -23.23 -25.19
N ALA A 454 1.00 -22.05 -24.65
CA ALA A 454 -0.33 -21.74 -24.14
C ALA A 454 -1.28 -21.18 -25.19
N GLY A 455 -0.77 -20.74 -26.33
CA GLY A 455 -1.61 -20.08 -27.32
C GLY A 455 -2.02 -18.68 -26.90
N GLY A 463 7.39 -11.88 -17.50
CA GLY A 463 7.54 -13.20 -16.99
C GLY A 463 8.72 -13.48 -16.08
N ALA A 464 9.64 -12.57 -15.89
CA ALA A 464 10.78 -12.87 -15.07
C ALA A 464 10.53 -13.04 -13.58
N MET A 465 11.26 -13.91 -12.94
CA MET A 465 11.19 -14.11 -11.53
C MET A 465 12.39 -13.39 -10.93
N LYS A 466 12.19 -12.54 -9.95
CA LYS A 466 13.29 -11.83 -9.32
C LYS A 466 13.19 -12.00 -7.81
N THR A 467 14.21 -11.53 -7.08
CA THR A 467 14.09 -11.50 -5.63
C THR A 467 13.07 -10.45 -5.24
N LEU A 468 12.22 -10.81 -4.28
CA LEU A 468 11.32 -9.85 -3.66
C LEU A 468 11.94 -9.32 -2.38
N CYS A 469 12.43 -10.22 -1.53
CA CYS A 469 13.15 -9.76 -0.36
C CYS A 469 13.84 -10.95 0.29
N ILE A 470 14.82 -10.65 1.12
CA ILE A 470 15.42 -11.64 2.00
C ILE A 470 14.69 -11.46 3.33
N PRO A 471 13.77 -12.34 3.70
CA PRO A 471 12.89 -12.04 4.85
C PRO A 471 13.65 -11.95 6.16
N PHE A 472 13.21 -11.01 7.01
CA PHE A 472 13.73 -10.95 8.38
C PHE A 472 13.46 -12.26 9.11
N ASP A 473 12.28 -12.83 8.91
CA ASP A 473 11.92 -14.10 9.56
C ASP A 473 12.51 -15.23 8.72
N GLN A 474 13.65 -15.76 9.18
CA GLN A 474 14.35 -16.80 8.43
C GLN A 474 13.95 -18.18 8.94
N PRO A 475 13.49 -19.08 8.08
CA PRO A 475 13.31 -20.48 8.50
C PRO A 475 14.64 -21.09 8.87
N PRO A 476 14.64 -22.22 9.59
CA PRO A 476 15.91 -22.90 9.87
C PRO A 476 16.68 -23.17 8.59
N MET A 477 18.00 -23.07 8.68
CA MET A 477 18.90 -23.36 7.56
C MET A 477 19.82 -24.50 7.95
N PRO A 478 19.54 -25.74 7.52
CA PRO A 478 20.40 -26.86 7.86
C PRO A 478 21.83 -26.65 7.38
N GLU A 479 22.78 -27.14 8.15
CA GLU A 479 24.18 -27.02 7.81
C GLU A 479 24.46 -27.63 6.46
N GLY A 480 25.23 -26.91 5.66
CA GLY A 480 25.63 -27.42 4.37
C GLY A 480 24.59 -27.29 3.26
N THR A 481 23.47 -26.63 3.53
CA THR A 481 22.48 -26.36 2.49
C THR A 481 23.13 -25.60 1.34
N LYS A 482 22.83 -26.01 0.11
CA LYS A 482 23.40 -25.38 -1.07
C LYS A 482 22.39 -24.41 -1.69
N CYS A 483 22.93 -23.40 -2.37
CA CYS A 483 22.10 -22.46 -3.12
C CYS A 483 21.27 -23.21 -4.16
N PHE A 484 19.98 -22.85 -4.26
CA PHE A 484 19.08 -23.59 -5.15
C PHE A 484 19.46 -23.45 -6.62
N TYR A 485 20.25 -22.44 -6.97
CA TYR A 485 20.61 -22.22 -8.37
C TYR A 485 22.08 -22.46 -8.66
N THR A 486 22.99 -21.99 -7.81
CA THR A 486 24.41 -22.13 -8.09
C THR A 486 25.02 -23.38 -7.49
N GLY A 487 24.36 -24.01 -6.51
CA GLY A 487 24.94 -25.11 -5.78
C GLY A 487 26.03 -24.73 -4.81
N LYS A 488 26.42 -23.45 -4.75
CA LYS A 488 27.37 -22.96 -3.78
C LYS A 488 26.70 -22.94 -2.40
N PRO A 489 27.46 -22.75 -1.33
CA PRO A 489 26.84 -22.71 0.00
C PRO A 489 25.78 -21.63 0.08
N ALA A 490 24.59 -22.03 0.54
CA ALA A 490 23.52 -21.06 0.70
C ALA A 490 23.82 -20.15 1.88
N LYS A 491 23.42 -18.89 1.76
CA LYS A 491 23.55 -17.95 2.85
C LYS A 491 22.23 -17.76 3.56
N ARG A 492 21.18 -17.33 2.85
CA ARG A 492 19.92 -17.11 3.53
C ARG A 492 18.75 -17.57 2.67
N TRP A 493 17.60 -17.76 3.31
CA TRP A 493 16.37 -17.97 2.57
C TRP A 493 15.96 -16.67 1.91
N THR A 494 15.63 -16.72 0.62
CA THR A 494 15.22 -15.55 -0.14
C THR A 494 13.87 -15.82 -0.76
N LEU A 495 13.02 -14.80 -0.77
CA LEU A 495 11.69 -14.86 -1.36
C LEU A 495 11.78 -14.30 -2.78
N TRP A 496 11.37 -15.11 -3.74
CA TRP A 496 11.36 -14.81 -5.17
C TRP A 496 9.96 -14.93 -5.73
N GLY A 497 9.73 -14.23 -6.83
CA GLY A 497 8.49 -14.44 -7.57
C GLY A 497 8.44 -13.53 -8.77
N ARG A 498 7.41 -13.75 -9.59
CA ARG A 498 7.05 -12.70 -10.53
C ARG A 498 6.59 -11.49 -9.73
N SER A 499 6.67 -10.31 -10.35
CA SER A 499 6.59 -9.06 -9.60
C SER A 499 5.91 -7.98 -10.42
N TYR A 500 5.39 -6.99 -9.71
CA TYR A 500 5.08 -5.69 -10.30
C TYR A 500 6.35 -4.87 -10.43
#